data_7D1C
#
_entry.id   7D1C
#
_cell.length_a   45.078
_cell.length_b   79.148
_cell.length_c   133.139
_cell.angle_alpha   90.000
_cell.angle_beta   90.000
_cell.angle_gamma   90.000
#
_symmetry.space_group_name_H-M   'P 21 21 21'
#
loop_
_entity.id
_entity.type
_entity.pdbx_description
1 polymer Cryptochrome-1
2 non-polymer N-[2-(4-methoxyphenyl)-5,5-bis(oxidanylidene)-4,6-dihydrothieno[3,4-c]pyrazol-3-yl]-4-(phenylcarbonyl)benzamide
3 water water
#
_entity_poly.entity_id   1
_entity_poly.type   'polypeptide(L)'
_entity_poly.pdbx_seq_one_letter_code
;GTMGVNAVHWFRKGLRLHDNPALKECIQGADTIRCVYILDPWFAGSSNVGINRWRFLLQCLEDLDANLRKLNSRLFVIRG
QPADVFPRLFKEWNITKLSIEYDSEPFGKERDAAIKKLATEAGVEVIVRISHTLYDLDKIIELNGGQPPLTYKRFQTLVS
KMEPLEMPADTITSDVIGKCMTPLSDDHDEKYGVPSLEELGFDTDGLSSAVWPGGETEALTRLERHLERKAWVANFERPR
MNANSLLASPTGLSPYLRFGCLSCRLFYFKLTDLYKKVKKNSSPPLSLYGQLLWREFFYTAATNNPRFDKMEGNPICVQI
PWDKNPEALAKWAEGRTGFPWIDAIMTQLRQEGWIHHLARHAVACFLTRGDLWISWEEGMKVFEELLLDADWSINAGSWM
WLSCSSFFQQFFHCYCPVGFGRRTDPNGDYIRRYLPVLRGFPAKYIYDPWNAPEGIQKVAKCLIGVNYPKPMVNHAEASR
LNIERMKQIYQQLSRYRG
;
_entity_poly.pdbx_strand_id   A
#
# COMPACT_ATOMS: atom_id res chain seq x y z
N GLY A 4 -21.25 -2.74 33.95
CA GLY A 4 -21.52 -3.74 32.93
C GLY A 4 -20.28 -4.16 32.15
N VAL A 5 -20.50 -4.72 30.96
CA VAL A 5 -19.40 -5.10 30.08
C VAL A 5 -19.09 -3.92 29.17
N ASN A 6 -17.94 -3.29 29.39
CA ASN A 6 -17.51 -2.15 28.59
C ASN A 6 -16.42 -2.60 27.62
N ALA A 7 -16.69 -2.42 26.33
CA ALA A 7 -15.84 -2.95 25.27
C ALA A 7 -15.26 -1.82 24.44
N VAL A 8 -14.07 -2.07 23.91
CA VAL A 8 -13.38 -1.15 23.02
C VAL A 8 -12.95 -1.92 21.78
N HIS A 9 -13.25 -1.39 20.60
CA HIS A 9 -12.68 -1.89 19.37
C HIS A 9 -11.57 -0.96 18.91
N TRP A 10 -10.40 -1.52 18.66
CA TRP A 10 -9.21 -0.76 18.29
C TRP A 10 -9.03 -0.84 16.78
N PHE A 11 -9.27 0.29 16.10
CA PHE A 11 -9.03 0.40 14.67
C PHE A 11 -7.56 0.68 14.40
N ARG A 12 -6.98 -0.04 13.45
CA ARG A 12 -5.65 0.25 12.93
C ARG A 12 -5.71 0.17 11.41
N LYS A 13 -5.74 -1.06 10.89
CA LYS A 13 -6.30 -1.29 9.57
C LYS A 13 -7.77 -1.65 9.75
N GLY A 14 -8.40 -2.25 8.76
CA GLY A 14 -9.83 -2.57 8.86
C GLY A 14 -10.67 -1.37 9.21
N LEU A 15 -10.42 -0.22 8.57
CA LEU A 15 -11.15 1.01 8.84
C LEU A 15 -12.48 0.97 8.10
N ARG A 16 -13.39 0.16 8.64
CA ARG A 16 -14.66 -0.12 7.98
C ARG A 16 -15.60 -0.76 8.96
N LEU A 17 -16.90 -0.69 8.65
CA LEU A 17 -17.91 -1.38 9.44
C LEU A 17 -18.40 -2.66 8.77
N HIS A 18 -18.21 -2.81 7.46
CA HIS A 18 -18.53 -4.09 6.82
C HIS A 18 -17.41 -5.08 7.04
N ASP A 19 -17.77 -6.36 7.05
CA ASP A 19 -16.84 -7.48 7.23
C ASP A 19 -15.81 -7.18 8.31
N ASN A 20 -16.30 -6.91 9.52
CA ASN A 20 -15.45 -6.60 10.67
C ASN A 20 -15.80 -7.61 11.77
N PRO A 21 -15.32 -8.85 11.65
CA PRO A 21 -15.66 -9.86 12.66
C PRO A 21 -15.20 -9.51 14.05
N ALA A 22 -14.05 -8.84 14.19
CA ALA A 22 -13.56 -8.46 15.51
C ALA A 22 -14.50 -7.48 16.19
N LEU A 23 -14.91 -6.43 15.47
CA LEU A 23 -15.88 -5.49 16.02
C LEU A 23 -17.22 -6.16 16.28
N LYS A 24 -17.63 -7.04 15.38
CA LYS A 24 -18.90 -7.76 15.56
C LYS A 24 -18.87 -8.60 16.83
N GLU A 25 -17.81 -9.38 17.03
CA GLU A 25 -17.71 -10.23 18.21
C GLU A 25 -17.61 -9.39 19.47
N CYS A 26 -16.93 -8.24 19.40
CA CYS A 26 -16.75 -7.40 20.58
C CYS A 26 -18.06 -6.82 21.06
N ILE A 27 -18.96 -6.48 20.12
CA ILE A 27 -20.22 -5.83 20.47
C ILE A 27 -21.17 -6.82 21.15
N GLN A 28 -21.11 -8.10 20.77
CA GLN A 28 -22.03 -9.09 21.31
C GLN A 28 -21.85 -9.24 22.81
N GLY A 29 -22.95 -9.14 23.56
CA GLY A 29 -22.90 -9.27 25.00
C GLY A 29 -22.28 -8.09 25.72
N ALA A 30 -22.05 -6.99 25.01
CA ALA A 30 -21.43 -5.80 25.60
C ALA A 30 -22.49 -4.77 25.93
N ASP A 31 -22.30 -4.08 27.05
CA ASP A 31 -23.21 -3.02 27.46
C ASP A 31 -22.82 -1.66 26.90
N THR A 32 -21.53 -1.41 26.73
CA THR A 32 -21.05 -0.21 26.07
C THR A 32 -19.96 -0.59 25.07
N ILE A 33 -19.85 0.20 24.01
CA ILE A 33 -18.81 0.03 23.00
C ILE A 33 -18.21 1.40 22.70
N ARG A 34 -16.88 1.44 22.60
CA ARG A 34 -16.15 2.62 22.14
C ARG A 34 -15.15 2.16 21.09
N CYS A 35 -15.27 2.70 19.88
CA CYS A 35 -14.26 2.43 18.85
C CYS A 35 -13.20 3.52 18.90
N VAL A 36 -11.94 3.10 18.95
CA VAL A 36 -10.83 4.03 19.10
C VAL A 36 -9.88 3.89 17.93
N TYR A 37 -9.22 4.99 17.59
CA TYR A 37 -8.04 5.01 16.76
C TYR A 37 -6.97 5.79 17.51
N ILE A 38 -5.78 5.20 17.64
CA ILE A 38 -4.70 5.79 18.41
C ILE A 38 -3.72 6.41 17.42
N LEU A 39 -3.69 7.73 17.40
CA LEU A 39 -2.98 8.50 16.38
C LEU A 39 -1.77 9.19 17.00
N ASP A 40 -0.62 9.05 16.36
CA ASP A 40 0.63 9.66 16.84
C ASP A 40 1.46 10.10 15.65
N PRO A 41 1.16 11.28 15.09
CA PRO A 41 1.90 11.73 13.90
C PRO A 41 3.32 12.18 14.20
N TRP A 42 3.70 12.27 15.47
CA TRP A 42 5.06 12.64 15.86
C TRP A 42 5.91 11.43 16.22
N PHE A 43 5.35 10.22 16.14
CA PHE A 43 6.11 9.03 16.50
C PHE A 43 7.36 8.92 15.65
N ALA A 44 8.50 8.72 16.30
CA ALA A 44 9.77 8.63 15.59
C ALA A 44 9.73 7.56 14.51
N GLY A 45 9.09 6.43 14.79
CA GLY A 45 8.97 5.37 13.82
C GLY A 45 8.04 5.67 12.65
N SER A 46 7.33 6.81 12.70
CA SER A 46 6.46 7.24 11.60
C SER A 46 6.98 8.50 10.91
N SER A 47 8.27 8.78 11.04
CA SER A 47 8.85 9.97 10.44
C SER A 47 8.89 9.90 8.90
N ASN A 48 8.71 8.72 8.32
CA ASN A 48 8.77 8.54 6.88
C ASN A 48 7.38 8.51 6.24
N VAL A 49 6.34 8.90 6.95
CA VAL A 49 4.98 8.88 6.41
C VAL A 49 4.72 10.22 5.70
N GLY A 50 4.38 10.16 4.41
CA GLY A 50 4.13 11.35 3.64
C GLY A 50 2.76 11.95 3.91
N ILE A 51 2.57 13.19 3.44
CA ILE A 51 1.35 13.92 3.77
C ILE A 51 0.13 13.30 3.08
N ASN A 52 0.32 12.69 1.90
CA ASN A 52 -0.81 12.05 1.24
C ASN A 52 -1.32 10.86 2.03
N ARG A 53 -0.42 10.12 2.69
CA ARG A 53 -0.85 9.03 3.55
C ARG A 53 -1.59 9.54 4.78
N TRP A 54 -1.08 10.62 5.39
CA TRP A 54 -1.77 11.22 6.52
C TRP A 54 -3.15 11.72 6.13
N ARG A 55 -3.26 12.38 4.98
CA ARG A 55 -4.55 12.89 4.54
C ARG A 55 -5.53 11.76 4.27
N PHE A 56 -5.07 10.70 3.61
CA PHE A 56 -5.94 9.55 3.35
C PHE A 56 -6.44 8.95 4.66
N LEU A 57 -5.55 8.77 5.63
CA LEU A 57 -5.96 8.21 6.92
C LEU A 57 -6.99 9.10 7.60
N LEU A 58 -6.73 10.41 7.65
CA LEU A 58 -7.66 11.32 8.30
C LEU A 58 -9.03 11.28 7.63
N GLN A 59 -9.06 11.17 6.31
CA GLN A 59 -10.34 11.05 5.61
C GLN A 59 -11.00 9.70 5.91
N CYS A 60 -10.21 8.65 6.12
CA CYS A 60 -10.78 7.37 6.55
C CYS A 60 -11.42 7.50 7.92
N LEU A 61 -10.77 8.21 8.84
CA LEU A 61 -11.31 8.38 10.18
C LEU A 61 -12.57 9.22 10.18
N GLU A 62 -12.60 10.29 9.37
CA GLU A 62 -13.81 11.10 9.28
C GLU A 62 -14.98 10.28 8.76
N ASP A 63 -14.72 9.38 7.80
CA ASP A 63 -15.78 8.53 7.26
C ASP A 63 -16.27 7.52 8.28
N LEU A 64 -15.33 6.91 9.03
CA LEU A 64 -15.71 6.01 10.11
C LEU A 64 -16.54 6.74 11.17
N ASP A 65 -16.12 7.96 11.52
CA ASP A 65 -16.87 8.75 12.50
C ASP A 65 -18.27 9.05 12.01
N ALA A 66 -18.41 9.42 10.74
CA ALA A 66 -19.71 9.71 10.17
C ALA A 66 -20.60 8.46 10.15
N ASN A 67 -20.02 7.32 9.79
CA ASN A 67 -20.81 6.09 9.76
C ASN A 67 -21.12 5.58 11.15
N LEU A 68 -20.24 5.84 12.13
CA LEU A 68 -20.57 5.50 13.50
C LEU A 68 -21.68 6.40 14.04
N ARG A 69 -21.78 7.64 13.55
CA ARG A 69 -22.88 8.52 13.92
C ARG A 69 -24.23 7.88 13.60
N LYS A 70 -24.33 7.22 12.45
CA LYS A 70 -25.58 6.58 12.05
C LYS A 70 -26.02 5.50 13.04
N LEU A 71 -25.08 4.96 13.83
CA LEU A 71 -25.39 3.98 14.85
C LEU A 71 -25.42 4.58 16.26
N ASN A 72 -25.61 5.90 16.36
CA ASN A 72 -25.63 6.60 17.65
C ASN A 72 -24.33 6.39 18.41
N SER A 73 -23.21 6.40 17.69
CA SER A 73 -21.89 6.27 18.28
C SER A 73 -20.98 7.32 17.64
N ARG A 74 -19.72 7.30 18.05
CA ARG A 74 -18.70 8.17 17.49
C ARG A 74 -17.37 7.43 17.49
N LEU A 75 -16.46 7.85 16.61
CA LEU A 75 -15.09 7.41 16.69
C LEU A 75 -14.37 8.17 17.79
N PHE A 76 -13.52 7.49 18.55
CA PHE A 76 -12.69 8.10 19.58
C PHE A 76 -11.25 8.13 19.07
N VAL A 77 -10.77 9.31 18.67
CA VAL A 77 -9.39 9.46 18.24
C VAL A 77 -8.55 9.88 19.44
N ILE A 78 -7.53 9.09 19.75
CA ILE A 78 -6.73 9.26 20.95
C ILE A 78 -5.27 9.41 20.55
N ARG A 79 -4.58 10.35 21.19
CA ARG A 79 -3.21 10.68 20.84
C ARG A 79 -2.22 9.92 21.69
N GLY A 80 -1.16 9.40 21.07
CA GLY A 80 -0.08 8.77 21.78
C GLY A 80 0.21 7.39 21.23
N GLN A 81 0.91 6.60 22.04
CA GLN A 81 1.32 5.24 21.75
C GLN A 81 0.42 4.25 22.48
N PRO A 82 0.02 3.16 21.81
CA PRO A 82 -0.89 2.19 22.44
C PRO A 82 -0.43 1.71 23.80
N ALA A 83 0.86 1.41 23.95
CA ALA A 83 1.37 0.95 25.24
C ALA A 83 1.20 2.00 26.33
N ASP A 84 1.25 3.28 25.96
CA ASP A 84 1.04 4.35 26.94
C ASP A 84 -0.44 4.58 27.20
N VAL A 85 -1.27 4.43 26.17
CA VAL A 85 -2.65 4.91 26.24
C VAL A 85 -3.57 3.86 26.86
N PHE A 86 -3.39 2.59 26.52
CA PHE A 86 -4.38 1.57 26.88
C PHE A 86 -4.51 1.33 28.39
N PRO A 87 -3.42 1.27 29.17
CA PRO A 87 -3.61 1.16 30.62
C PRO A 87 -4.45 2.28 31.20
N ARG A 88 -4.26 3.51 30.70
CA ARG A 88 -5.07 4.64 31.12
C ARG A 88 -6.54 4.43 30.76
N LEU A 89 -6.80 3.97 29.53
CA LEU A 89 -8.17 3.77 29.08
C LEU A 89 -8.84 2.63 29.82
N PHE A 90 -8.11 1.54 30.07
CA PHE A 90 -8.67 0.43 30.82
C PHE A 90 -9.23 0.88 32.16
N LYS A 91 -8.52 1.78 32.84
CA LYS A 91 -8.96 2.28 34.13
C LYS A 91 -10.06 3.33 33.98
N GLU A 92 -9.87 4.28 33.07
CA GLU A 92 -10.82 5.39 32.96
C GLU A 92 -12.20 4.91 32.51
N TRP A 93 -12.24 3.91 31.66
CA TRP A 93 -13.49 3.42 31.09
C TRP A 93 -13.95 2.09 31.67
N ASN A 94 -13.16 1.49 32.57
CA ASN A 94 -13.45 0.16 33.13
C ASN A 94 -13.71 -0.87 32.03
N ILE A 95 -12.69 -1.05 31.19
CA ILE A 95 -12.80 -1.91 30.03
C ILE A 95 -12.55 -3.35 30.42
N THR A 96 -13.37 -4.26 29.89
CA THR A 96 -13.13 -5.69 30.07
C THR A 96 -13.03 -6.45 28.77
N LYS A 97 -13.21 -5.79 27.62
CA LYS A 97 -13.09 -6.42 26.31
C LYS A 97 -12.41 -5.47 25.34
N LEU A 98 -11.42 -5.97 24.60
CA LEU A 98 -10.70 -5.21 23.59
C LEU A 98 -10.58 -6.06 22.33
N SER A 99 -10.98 -5.50 21.19
CA SER A 99 -10.97 -6.24 19.93
C SER A 99 -10.03 -5.58 18.94
N ILE A 100 -9.37 -6.40 18.12
CA ILE A 100 -8.50 -5.94 17.05
C ILE A 100 -8.62 -6.89 15.86
N GLU A 101 -8.45 -6.33 14.67
CA GLU A 101 -8.18 -7.14 13.50
C GLU A 101 -6.72 -7.59 13.55
N TYR A 102 -6.48 -8.87 13.30
CA TYR A 102 -5.13 -9.42 13.36
C TYR A 102 -4.21 -8.71 12.37
N ASP A 103 -2.97 -8.47 12.79
CA ASP A 103 -1.94 -7.87 11.96
C ASP A 103 -0.80 -8.87 11.80
N SER A 104 -0.60 -9.36 10.58
CA SER A 104 0.42 -10.37 10.32
C SER A 104 1.82 -9.79 10.29
N GLU A 105 1.98 -8.47 10.14
CA GLU A 105 3.29 -7.90 9.91
C GLU A 105 4.12 -7.94 11.19
N PRO A 106 5.43 -8.22 11.09
CA PRO A 106 6.25 -8.42 12.30
C PRO A 106 6.16 -7.31 13.34
N PHE A 107 6.28 -6.03 12.92
CA PHE A 107 6.13 -4.93 13.87
C PHE A 107 4.77 -4.94 14.54
N GLY A 108 3.72 -5.25 13.79
CA GLY A 108 2.38 -5.26 14.36
C GLY A 108 2.16 -6.43 15.31
N LYS A 109 2.67 -7.61 14.95
CA LYS A 109 2.60 -8.75 15.86
C LYS A 109 3.28 -8.43 17.17
N GLU A 110 4.44 -7.78 17.12
CA GLU A 110 5.19 -7.44 18.32
C GLU A 110 4.41 -6.44 19.18
N ARG A 111 3.88 -5.39 18.56
CA ARG A 111 3.09 -4.40 19.29
C ARG A 111 1.86 -5.05 19.93
N ASP A 112 1.17 -5.91 19.19
CA ASP A 112 -0.05 -6.51 19.72
C ASP A 112 0.23 -7.51 20.83
N ALA A 113 1.38 -8.18 20.78
CA ALA A 113 1.77 -9.07 21.88
C ALA A 113 1.96 -8.27 23.17
N ALA A 114 2.58 -7.09 23.06
CA ALA A 114 2.76 -6.24 24.25
C ALA A 114 1.42 -5.74 24.77
N ILE A 115 0.51 -5.35 23.88
CA ILE A 115 -0.81 -4.87 24.30
C ILE A 115 -1.59 -5.99 24.96
N LYS A 116 -1.53 -7.19 24.38
CA LYS A 116 -2.19 -8.35 24.98
C LYS A 116 -1.72 -8.58 26.41
N LYS A 117 -0.42 -8.37 26.66
CA LYS A 117 0.09 -8.52 28.03
C LYS A 117 -0.47 -7.44 28.95
N LEU A 118 -0.53 -6.20 28.49
CA LEU A 118 -1.14 -5.14 29.27
C LEU A 118 -2.61 -5.44 29.55
N ALA A 119 -3.32 -5.96 28.56
CA ALA A 119 -4.73 -6.27 28.75
C ALA A 119 -4.91 -7.38 29.79
N THR A 120 -4.12 -8.46 29.69
CA THR A 120 -4.21 -9.54 30.67
C THR A 120 -3.93 -9.03 32.07
N GLU A 121 -2.96 -8.12 32.21
CA GLU A 121 -2.66 -7.54 33.52
C GLU A 121 -3.83 -6.74 34.07
N ALA A 122 -4.64 -6.16 33.19
CA ALA A 122 -5.76 -5.32 33.59
C ALA A 122 -7.08 -6.08 33.66
N GLY A 123 -7.07 -7.39 33.43
CA GLY A 123 -8.30 -8.15 33.43
C GLY A 123 -9.16 -7.88 32.21
N VAL A 124 -8.55 -7.70 31.05
CA VAL A 124 -9.25 -7.38 29.81
C VAL A 124 -9.11 -8.56 28.86
N GLU A 125 -10.24 -9.05 28.37
CA GLU A 125 -10.23 -10.07 27.33
C GLU A 125 -9.91 -9.46 25.98
N VAL A 126 -9.04 -10.12 25.23
CA VAL A 126 -8.60 -9.64 23.91
C VAL A 126 -9.22 -10.53 22.85
N ILE A 127 -9.95 -9.91 21.93
CA ILE A 127 -10.56 -10.60 20.79
C ILE A 127 -9.77 -10.22 19.54
N VAL A 128 -9.21 -11.22 18.87
CA VAL A 128 -8.47 -11.00 17.62
C VAL A 128 -9.12 -11.85 16.54
N ARG A 129 -9.45 -11.22 15.42
CA ARG A 129 -10.04 -11.90 14.28
C ARG A 129 -9.29 -11.52 13.01
N ILE A 130 -9.14 -12.49 12.12
CA ILE A 130 -8.43 -12.29 10.86
C ILE A 130 -9.40 -11.71 9.84
N SER A 131 -9.05 -10.57 9.26
CA SER A 131 -9.91 -10.00 8.21
C SER A 131 -9.18 -9.03 7.30
N HIS A 132 -7.86 -8.87 7.48
CA HIS A 132 -7.09 -8.09 6.53
C HIS A 132 -6.60 -8.91 5.35
N THR A 133 -6.59 -10.24 5.48
CA THR A 133 -6.15 -11.15 4.43
C THR A 133 -7.25 -12.16 4.14
N LEU A 134 -7.12 -12.81 2.98
CA LEU A 134 -8.10 -13.82 2.57
C LEU A 134 -7.99 -15.08 3.44
N TYR A 135 -6.79 -15.42 3.87
CA TYR A 135 -6.54 -16.68 4.56
C TYR A 135 -5.89 -16.43 5.91
N ASP A 136 -5.90 -17.47 6.74
CA ASP A 136 -5.01 -17.54 7.91
C ASP A 136 -3.60 -17.82 7.40
N LEU A 137 -2.75 -16.80 7.41
CA LEU A 137 -1.41 -16.95 6.85
C LEU A 137 -0.62 -18.03 7.58
N ASP A 138 -0.82 -18.16 8.89
CA ASP A 138 -0.11 -19.18 9.65
C ASP A 138 -0.49 -20.58 9.17
N LYS A 139 -1.75 -20.77 8.77
CA LYS A 139 -2.16 -22.08 8.23
C LYS A 139 -1.52 -22.34 6.88
N ILE A 140 -1.33 -21.30 6.06
CA ILE A 140 -0.58 -21.46 4.82
C ILE A 140 0.82 -21.97 5.11
N ILE A 141 1.49 -21.33 6.06
CA ILE A 141 2.87 -21.67 6.37
C ILE A 141 2.97 -23.07 6.95
N GLU A 142 2.03 -23.42 7.84
CA GLU A 142 2.01 -24.78 8.39
C GLU A 142 1.78 -25.82 7.30
N LEU A 143 0.87 -25.52 6.36
CA LEU A 143 0.60 -26.44 5.27
C LEU A 143 1.81 -26.61 4.35
N ASN A 144 2.70 -25.62 4.30
CA ASN A 144 3.89 -25.69 3.47
C ASN A 144 5.07 -26.35 4.18
N GLY A 145 4.88 -26.79 5.43
CA GLY A 145 5.95 -27.40 6.19
C GLY A 145 6.60 -26.49 7.21
N GLY A 146 6.03 -25.32 7.47
CA GLY A 146 6.60 -24.38 8.42
C GLY A 146 7.32 -23.22 7.80
N GLN A 147 7.47 -23.19 6.47
CA GLN A 147 8.11 -22.10 5.76
C GLN A 147 7.14 -21.51 4.74
N PRO A 148 7.14 -20.19 4.55
CA PRO A 148 6.30 -19.60 3.51
C PRO A 148 6.78 -20.04 2.13
N PRO A 149 5.87 -20.26 1.19
CA PRO A 149 6.30 -20.59 -0.18
C PRO A 149 7.07 -19.43 -0.79
N LEU A 150 8.25 -19.73 -1.30
CA LEU A 150 9.16 -18.69 -1.80
C LEU A 150 8.91 -18.32 -3.26
N THR A 151 7.96 -18.97 -3.94
CA THR A 151 7.60 -18.62 -5.30
C THR A 151 6.08 -18.45 -5.41
N TYR A 152 5.66 -17.63 -6.37
CA TYR A 152 4.25 -17.26 -6.49
C TYR A 152 3.38 -18.45 -6.87
N LYS A 153 3.86 -19.31 -7.78
CA LYS A 153 3.01 -20.41 -8.25
C LYS A 153 2.97 -21.54 -7.23
N ARG A 154 4.03 -21.69 -6.42
CA ARG A 154 3.94 -22.57 -5.25
C ARG A 154 2.91 -22.05 -4.28
N PHE A 155 2.81 -20.73 -4.14
CA PHE A 155 1.75 -20.15 -3.32
C PHE A 155 0.38 -20.42 -3.91
N GLN A 156 0.25 -20.31 -5.24
CA GLN A 156 -1.03 -20.63 -5.87
C GLN A 156 -1.40 -22.09 -5.66
N THR A 157 -0.39 -22.97 -5.66
CA THR A 157 -0.65 -24.39 -5.46
C THR A 157 -1.26 -24.66 -4.09
N LEU A 158 -0.64 -24.11 -3.04
CA LEU A 158 -1.15 -24.34 -1.69
C LEU A 158 -2.54 -23.74 -1.52
N VAL A 159 -2.74 -22.50 -1.98
CA VAL A 159 -4.01 -21.82 -1.80
C VAL A 159 -5.14 -22.57 -2.50
N SER A 160 -4.84 -23.22 -3.63
CA SER A 160 -5.87 -23.98 -4.34
C SER A 160 -6.35 -25.17 -3.53
N LYS A 161 -5.52 -25.70 -2.65
CA LYS A 161 -5.86 -26.88 -1.86
C LYS A 161 -6.61 -26.55 -0.58
N MET A 162 -6.84 -25.26 -0.30
CA MET A 162 -7.38 -24.86 1.00
C MET A 162 -8.90 -24.89 0.99
N GLU A 163 -9.47 -24.79 2.19
CA GLU A 163 -10.91 -24.74 2.34
C GLU A 163 -11.44 -23.47 1.66
N PRO A 164 -12.65 -23.53 1.12
CA PRO A 164 -13.25 -22.32 0.53
C PRO A 164 -13.46 -21.25 1.59
N LEU A 165 -13.41 -19.99 1.15
CA LEU A 165 -13.56 -18.88 2.08
C LEU A 165 -14.96 -18.84 2.66
N GLU A 166 -15.05 -18.61 3.96
CA GLU A 166 -16.34 -18.44 4.62
C GLU A 166 -16.91 -17.07 4.30
N MET A 167 -18.21 -16.92 4.52
CA MET A 167 -18.90 -15.69 4.17
C MET A 167 -18.33 -14.51 4.96
N PRO A 168 -18.28 -13.33 4.36
CA PRO A 168 -17.89 -12.13 5.12
C PRO A 168 -18.88 -11.87 6.24
N ALA A 169 -18.37 -11.38 7.37
CA ALA A 169 -19.22 -11.13 8.52
C ALA A 169 -20.27 -10.06 8.19
N ASP A 170 -21.41 -10.14 8.86
CA ASP A 170 -22.49 -9.20 8.63
C ASP A 170 -22.06 -7.79 9.04
N THR A 171 -22.53 -6.79 8.30
CA THR A 171 -22.22 -5.41 8.63
C THR A 171 -22.92 -5.01 9.93
N ILE A 172 -22.25 -4.16 10.72
CA ILE A 172 -22.79 -3.75 12.00
C ILE A 172 -23.98 -2.80 11.77
N THR A 173 -25.16 -3.25 12.18
CA THR A 173 -26.40 -2.50 12.03
C THR A 173 -26.97 -2.18 13.41
N SER A 174 -28.04 -1.38 13.42
CA SER A 174 -28.74 -1.08 14.66
C SER A 174 -29.20 -2.35 15.36
N ASP A 175 -29.69 -3.33 14.60
CA ASP A 175 -30.15 -4.57 15.21
C ASP A 175 -28.98 -5.39 15.77
N VAL A 176 -27.78 -5.17 15.24
CA VAL A 176 -26.61 -5.85 15.81
C VAL A 176 -26.15 -5.18 17.09
N ILE A 177 -26.13 -3.85 17.12
CA ILE A 177 -25.75 -3.14 18.34
C ILE A 177 -26.67 -3.50 19.49
N GLY A 178 -27.98 -3.47 19.25
CA GLY A 178 -28.92 -3.83 20.28
C GLY A 178 -28.88 -2.87 21.45
N LYS A 179 -28.81 -3.43 22.65
CA LYS A 179 -28.77 -2.61 23.85
C LYS A 179 -27.40 -1.96 24.08
N CYS A 180 -26.38 -2.38 23.35
CA CYS A 180 -25.06 -1.78 23.49
C CYS A 180 -25.12 -0.32 23.09
N MET A 181 -24.54 0.54 23.93
CA MET A 181 -24.56 1.98 23.69
C MET A 181 -23.15 2.53 23.77
N THR A 182 -22.99 3.77 23.32
CA THR A 182 -21.72 4.47 23.42
C THR A 182 -21.90 5.71 24.29
N PRO A 183 -21.26 5.77 25.46
CA PRO A 183 -21.35 7.00 26.28
C PRO A 183 -20.67 8.15 25.55
N LEU A 184 -21.40 9.25 25.39
CA LEU A 184 -20.92 10.40 24.64
C LEU A 184 -21.16 11.68 25.43
N SER A 185 -20.38 12.70 25.09
CA SER A 185 -20.50 14.02 25.68
C SER A 185 -20.65 15.06 24.58
N ASP A 186 -21.18 16.23 24.95
CA ASP A 186 -21.41 17.28 23.97
C ASP A 186 -20.09 17.84 23.44
N ASP A 187 -19.03 17.78 24.25
CA ASP A 187 -17.71 18.27 23.87
C ASP A 187 -16.84 17.18 23.26
N HIS A 188 -17.45 16.11 22.72
CA HIS A 188 -16.67 14.95 22.26
C HIS A 188 -15.61 15.34 21.25
N ASP A 189 -15.88 16.33 20.40
CA ASP A 189 -14.91 16.70 19.37
C ASP A 189 -13.66 17.33 19.99
N GLU A 190 -13.80 18.04 21.11
CA GLU A 190 -12.66 18.69 21.72
C GLU A 190 -11.63 17.68 22.21
N LYS A 191 -12.08 16.53 22.66
CA LYS A 191 -11.20 15.53 23.27
C LYS A 191 -10.87 14.38 22.34
N TYR A 192 -11.83 13.95 21.50
CA TYR A 192 -11.67 12.75 20.70
C TYR A 192 -11.91 12.99 19.21
N GLY A 193 -12.02 14.24 18.77
CA GLY A 193 -12.36 14.51 17.40
C GLY A 193 -11.23 14.16 16.43
N VAL A 194 -11.59 13.99 15.17
CA VAL A 194 -10.61 13.71 14.13
C VAL A 194 -9.87 15.01 13.82
N PRO A 195 -8.55 15.05 13.98
CA PRO A 195 -7.83 16.30 13.71
C PRO A 195 -7.67 16.55 12.22
N SER A 196 -7.42 17.81 11.90
CA SER A 196 -7.05 18.22 10.56
C SER A 196 -5.54 18.07 10.35
N LEU A 197 -5.12 18.15 9.09
CA LEU A 197 -3.69 18.17 8.79
C LEU A 197 -3.01 19.36 9.45
N GLU A 198 -3.64 20.54 9.40
CA GLU A 198 -3.09 21.72 10.05
C GLU A 198 -2.97 21.52 11.55
N GLU A 199 -3.98 20.89 12.16
CA GLU A 199 -3.92 20.62 13.60
C GLU A 199 -2.85 19.61 13.95
N LEU A 200 -2.37 18.84 12.98
CA LEU A 200 -1.19 17.99 13.17
C LEU A 200 0.10 18.73 12.87
N GLY A 201 0.04 20.03 12.62
CA GLY A 201 1.23 20.83 12.36
C GLY A 201 1.65 20.92 10.91
N PHE A 202 0.91 20.29 9.99
CA PHE A 202 1.30 20.29 8.58
C PHE A 202 0.85 21.58 7.89
N ASP A 203 1.75 22.18 7.12
CA ASP A 203 1.38 23.25 6.22
C ASP A 203 0.72 22.60 4.99
N THR A 204 -0.56 22.90 4.78
CA THR A 204 -1.30 22.36 3.66
C THR A 204 -1.20 23.23 2.42
N ASP A 205 -0.29 24.21 2.43
CA ASP A 205 0.04 24.97 1.24
C ASP A 205 0.52 24.03 0.14
N GLY A 206 -0.02 24.23 -1.06
CA GLY A 206 0.33 23.38 -2.19
C GLY A 206 -0.48 22.11 -2.32
N LEU A 207 -1.46 21.90 -1.45
CA LEU A 207 -2.33 20.74 -1.54
C LEU A 207 -3.56 21.08 -2.39
N SER A 208 -3.90 20.16 -3.28
CA SER A 208 -5.15 20.21 -4.04
C SER A 208 -6.10 19.15 -3.51
N SER A 209 -7.31 19.12 -4.06
CA SER A 209 -8.27 18.09 -3.69
C SER A 209 -7.66 16.71 -3.94
N ALA A 210 -7.89 15.80 -3.00
CA ALA A 210 -7.26 14.48 -3.06
C ALA A 210 -7.76 13.69 -4.27
N VAL A 211 -6.83 13.13 -5.03
CA VAL A 211 -7.20 12.26 -6.15
C VAL A 211 -7.77 10.94 -5.63
N TRP A 212 -7.34 10.51 -4.45
CA TRP A 212 -7.79 9.27 -3.82
C TRP A 212 -8.44 9.62 -2.48
N PRO A 213 -9.73 9.95 -2.46
CA PRO A 213 -10.39 10.27 -1.19
C PRO A 213 -10.51 9.02 -0.33
N GLY A 214 -10.18 9.17 0.95
CA GLY A 214 -10.18 8.02 1.82
C GLY A 214 -11.58 7.63 2.28
N GLY A 215 -11.69 6.42 2.81
CA GLY A 215 -12.88 6.02 3.52
C GLY A 215 -13.63 4.82 2.97
N GLU A 216 -14.42 4.19 3.85
CA GLU A 216 -15.23 3.03 3.46
C GLU A 216 -16.33 3.42 2.49
N THR A 217 -16.96 4.58 2.69
CA THR A 217 -18.03 5.01 1.78
C THR A 217 -17.51 5.13 0.35
N GLU A 218 -16.35 5.76 0.19
CA GLU A 218 -15.72 5.86 -1.13
C GLU A 218 -15.37 4.48 -1.66
N ALA A 219 -14.83 3.60 -0.81
CA ALA A 219 -14.43 2.27 -1.26
C ALA A 219 -15.62 1.48 -1.77
N LEU A 220 -16.73 1.49 -1.05
CA LEU A 220 -17.90 0.71 -1.46
C LEU A 220 -18.52 1.29 -2.73
N THR A 221 -18.48 2.61 -2.90
CA THR A 221 -18.92 3.21 -4.16
C THR A 221 -18.04 2.77 -5.31
N ARG A 222 -16.72 2.79 -5.11
CA ARG A 222 -15.79 2.38 -6.16
C ARG A 222 -15.92 0.90 -6.47
N LEU A 223 -16.19 0.07 -5.46
CA LEU A 223 -16.38 -1.35 -5.70
C LEU A 223 -17.51 -1.60 -6.69
N GLU A 224 -18.60 -0.85 -6.58
CA GLU A 224 -19.71 -1.01 -7.52
C GLU A 224 -19.29 -0.61 -8.93
N ARG A 225 -18.64 0.54 -9.08
CA ARG A 225 -18.15 0.95 -10.39
C ARG A 225 -17.15 -0.05 -10.94
N HIS A 226 -16.25 -0.54 -10.09
CA HIS A 226 -15.23 -1.50 -10.51
C HIS A 226 -15.86 -2.75 -11.10
N LEU A 227 -16.87 -3.29 -10.41
CA LEU A 227 -17.55 -4.49 -10.91
C LEU A 227 -18.36 -4.18 -12.17
N GLU A 228 -19.01 -3.01 -12.21
CA GLU A 228 -19.78 -2.64 -13.40
C GLU A 228 -18.87 -2.54 -14.62
N ARG A 229 -17.69 -1.89 -14.46
CA ARG A 229 -16.75 -1.81 -15.57
C ARG A 229 -16.26 -3.19 -15.98
N LYS A 230 -15.99 -4.06 -15.00
CA LYS A 230 -15.58 -5.42 -15.32
C LYS A 230 -16.69 -6.19 -16.04
N ALA A 231 -17.96 -5.87 -15.75
CA ALA A 231 -19.06 -6.49 -16.47
C ALA A 231 -19.07 -6.04 -17.93
N TRP A 232 -18.80 -4.77 -18.19
CA TRP A 232 -18.73 -4.26 -19.55
C TRP A 232 -17.46 -4.75 -20.22
N GLU A 237 -9.70 -11.91 -18.15
CA GLU A 237 -8.27 -12.03 -18.45
C GLU A 237 -7.51 -10.84 -17.92
N ARG A 238 -6.19 -10.98 -17.80
CA ARG A 238 -5.35 -9.91 -17.30
C ARG A 238 -5.42 -8.72 -18.25
N PRO A 239 -5.69 -7.51 -17.75
CA PRO A 239 -5.85 -6.35 -18.64
C PRO A 239 -4.53 -5.90 -19.23
N ARG A 240 -4.64 -5.12 -20.31
CA ARG A 240 -3.50 -4.59 -21.04
C ARG A 240 -3.37 -3.09 -20.75
N MET A 241 -2.15 -2.65 -20.48
CA MET A 241 -1.92 -1.25 -20.14
C MET A 241 -1.84 -0.40 -21.42
N ASN A 242 -2.60 0.68 -21.45
CA ASN A 242 -2.46 1.72 -22.47
C ASN A 242 -2.22 3.06 -21.77
N ALA A 243 -2.24 4.14 -22.55
CA ALA A 243 -1.92 5.45 -21.97
C ALA A 243 -2.92 5.84 -20.88
N ASN A 244 -4.20 5.55 -21.08
CA ASN A 244 -5.19 5.94 -20.07
C ASN A 244 -5.01 5.16 -18.77
N SER A 245 -4.43 3.95 -18.84
CA SER A 245 -4.20 3.17 -17.62
C SER A 245 -3.28 3.90 -16.65
N LEU A 246 -2.45 4.82 -17.13
CA LEU A 246 -1.53 5.53 -16.26
C LEU A 246 -2.25 6.50 -15.34
N LEU A 247 -3.43 6.96 -15.73
CA LEU A 247 -4.18 7.92 -14.92
C LEU A 247 -4.91 7.20 -13.80
N ALA A 248 -5.07 7.91 -12.68
CA ALA A 248 -5.82 7.38 -11.56
C ALA A 248 -7.25 7.10 -11.96
N SER A 249 -7.73 5.91 -11.63
CA SER A 249 -9.06 5.52 -12.09
C SER A 249 -10.09 5.66 -10.97
N PRO A 250 -11.30 6.14 -11.30
CA PRO A 250 -12.38 6.13 -10.31
C PRO A 250 -12.80 4.74 -9.89
N THR A 251 -12.37 3.71 -10.61
CA THR A 251 -12.60 2.32 -10.25
C THR A 251 -11.46 1.72 -9.43
N GLY A 252 -10.41 2.48 -9.17
CA GLY A 252 -9.26 1.97 -8.43
C GLY A 252 -9.60 1.62 -7.00
N LEU A 253 -9.22 0.42 -6.57
CA LEU A 253 -9.50 -0.04 -5.22
C LEU A 253 -8.27 -0.22 -4.35
N SER A 254 -7.07 -0.10 -4.92
CA SER A 254 -5.89 -0.58 -4.22
C SER A 254 -5.60 0.16 -2.91
N PRO A 255 -5.72 1.49 -2.83
CA PRO A 255 -5.47 2.12 -1.51
C PRO A 255 -6.49 1.72 -0.47
N TYR A 256 -7.73 1.44 -0.89
CA TYR A 256 -8.77 1.07 0.06
C TYR A 256 -8.54 -0.31 0.66
N LEU A 257 -7.99 -1.23 -0.14
CA LEU A 257 -7.61 -2.53 0.40
C LEU A 257 -6.45 -2.40 1.38
N ARG A 258 -5.54 -1.45 1.14
CA ARG A 258 -4.37 -1.30 2.03
C ARG A 258 -4.79 -0.78 3.40
N PHE A 259 -5.65 0.24 3.43
CA PHE A 259 -6.11 0.82 4.69
C PHE A 259 -7.24 0.02 5.34
N GLY A 260 -7.82 -0.93 4.63
CA GLY A 260 -8.94 -1.69 5.16
C GLY A 260 -10.29 -1.07 4.94
N CYS A 261 -10.36 0.02 4.15
CA CYS A 261 -11.65 0.61 3.80
C CYS A 261 -12.54 -0.38 3.06
N LEU A 262 -11.92 -1.26 2.29
CA LEU A 262 -12.61 -2.28 1.53
C LEU A 262 -12.11 -3.63 2.01
N SER A 263 -13.03 -4.54 2.28
CA SER A 263 -12.66 -5.87 2.72
C SER A 263 -12.12 -6.67 1.54
N CYS A 264 -10.96 -7.28 1.72
CA CYS A 264 -10.43 -8.14 0.66
C CYS A 264 -11.28 -9.39 0.47
N ARG A 265 -11.97 -9.83 1.53
CA ARG A 265 -12.87 -10.96 1.39
C ARG A 265 -14.16 -10.58 0.66
N LEU A 266 -14.70 -9.39 0.93
CA LEU A 266 -15.87 -8.93 0.19
C LEU A 266 -15.55 -8.76 -1.29
N PHE A 267 -14.40 -8.13 -1.58
CA PHE A 267 -13.96 -7.99 -2.96
C PHE A 267 -13.83 -9.35 -3.65
N TYR A 268 -13.19 -10.30 -2.97
CA TYR A 268 -13.02 -11.64 -3.51
C TYR A 268 -14.37 -12.25 -3.87
N PHE A 269 -15.34 -12.17 -2.96
CA PHE A 269 -16.63 -12.82 -3.19
C PHE A 269 -17.40 -12.13 -4.31
N LYS A 270 -17.30 -10.80 -4.39
CA LYS A 270 -17.98 -10.09 -5.48
C LYS A 270 -17.37 -10.44 -6.83
N LEU A 271 -16.05 -10.63 -6.88
CA LEU A 271 -15.40 -11.08 -8.10
C LEU A 271 -15.84 -12.49 -8.47
N THR A 272 -15.78 -13.41 -7.51
CA THR A 272 -16.25 -14.77 -7.76
C THR A 272 -17.72 -14.76 -8.17
N ASP A 273 -18.53 -13.92 -7.52
CA ASP A 273 -19.94 -13.81 -7.87
C ASP A 273 -20.10 -13.37 -9.32
N LEU A 274 -19.38 -12.32 -9.72
CA LEU A 274 -19.50 -11.81 -11.08
C LEU A 274 -19.01 -12.83 -12.10
N TYR A 275 -17.90 -13.50 -11.81
CA TYR A 275 -17.37 -14.50 -12.74
C TYR A 275 -18.38 -15.61 -12.98
N LYS A 276 -18.96 -16.14 -11.89
CA LYS A 276 -19.91 -17.25 -12.02
C LYS A 276 -21.12 -16.86 -12.85
N LYS A 277 -21.46 -15.56 -12.87
CA LYS A 277 -22.61 -15.11 -13.64
C LYS A 277 -22.30 -15.06 -15.14
N VAL A 278 -21.06 -14.73 -15.50
CA VAL A 278 -20.70 -14.58 -16.90
C VAL A 278 -20.12 -15.87 -17.47
N LYS A 279 -19.29 -16.59 -16.72
CA LYS A 279 -18.63 -17.78 -17.24
C LYS A 279 -19.27 -19.09 -16.80
N LYS A 280 -20.24 -19.05 -15.88
CA LYS A 280 -21.11 -20.18 -15.60
C LYS A 280 -20.32 -21.38 -15.06
N ASN A 281 -19.36 -21.12 -14.20
CA ASN A 281 -18.63 -22.18 -13.53
C ASN A 281 -18.01 -21.63 -12.26
N SER A 282 -17.66 -22.54 -11.35
CA SER A 282 -17.21 -22.17 -10.01
C SER A 282 -15.72 -22.39 -9.80
N SER A 283 -14.96 -22.66 -10.86
CA SER A 283 -13.50 -22.82 -10.79
C SER A 283 -12.87 -21.78 -11.70
N PRO A 284 -12.82 -20.52 -11.28
CA PRO A 284 -12.30 -19.46 -12.15
C PRO A 284 -10.79 -19.51 -12.24
N PRO A 285 -10.21 -18.90 -13.27
CA PRO A 285 -8.74 -18.78 -13.30
C PRO A 285 -8.29 -17.85 -12.19
N LEU A 286 -7.24 -18.25 -11.46
CA LEU A 286 -6.63 -17.36 -10.47
C LEU A 286 -6.29 -16.00 -11.06
N SER A 287 -6.23 -15.91 -12.39
CA SER A 287 -6.18 -14.62 -13.08
C SER A 287 -7.23 -13.66 -12.55
N LEU A 288 -8.39 -14.19 -12.19
CA LEU A 288 -9.56 -13.35 -11.86
C LEU A 288 -9.28 -12.42 -10.68
N TYR A 289 -8.43 -12.82 -9.74
CA TYR A 289 -8.24 -12.08 -8.51
C TYR A 289 -7.13 -11.03 -8.61
N GLY A 290 -6.52 -10.88 -9.77
CA GLY A 290 -5.57 -9.80 -10.00
C GLY A 290 -4.42 -9.83 -9.01
N GLN A 291 -4.27 -8.74 -8.26
CA GLN A 291 -3.20 -8.58 -7.29
C GLN A 291 -3.51 -9.20 -5.94
N LEU A 292 -4.72 -9.73 -5.74
CA LEU A 292 -5.16 -10.17 -4.42
C LEU A 292 -4.27 -11.26 -3.86
N LEU A 293 -3.79 -12.16 -4.72
CA LEU A 293 -2.96 -13.26 -4.23
C LEU A 293 -1.48 -12.88 -4.16
N TRP A 294 -1.02 -11.97 -5.03
CA TRP A 294 0.26 -11.34 -4.80
C TRP A 294 0.28 -10.64 -3.44
N ARG A 295 -0.77 -9.87 -3.16
CA ARG A 295 -0.96 -9.28 -1.84
C ARG A 295 -0.83 -10.34 -0.74
N GLU A 296 -1.61 -11.42 -0.86
CA GLU A 296 -1.55 -12.50 0.13
C GLU A 296 -0.16 -13.14 0.18
N PHE A 297 0.47 -13.29 -0.98
CA PHE A 297 1.79 -13.93 -1.03
C PHE A 297 2.81 -13.16 -0.22
N PHE A 298 2.84 -11.83 -0.35
CA PHE A 298 3.86 -11.05 0.33
C PHE A 298 3.59 -10.94 1.83
N TYR A 299 2.32 -10.85 2.23
CA TYR A 299 2.01 -10.91 3.66
C TYR A 299 2.51 -12.22 4.26
N THR A 300 2.34 -13.33 3.54
CA THR A 300 2.78 -14.63 4.05
C THR A 300 4.29 -14.71 4.13
N ALA A 301 5.00 -14.20 3.11
CA ALA A 301 6.46 -14.28 3.12
C ALA A 301 7.05 -13.43 4.23
N ALA A 302 6.40 -12.32 4.58
CA ALA A 302 6.98 -11.37 5.52
C ALA A 302 6.64 -11.65 6.97
N THR A 303 5.57 -12.39 7.25
CA THR A 303 5.01 -12.39 8.59
C THR A 303 5.99 -12.91 9.63
N ASN A 304 6.85 -13.87 9.28
CA ASN A 304 7.82 -14.43 10.21
C ASN A 304 9.24 -13.96 9.93
N ASN A 305 9.40 -12.87 9.17
CA ASN A 305 10.71 -12.35 8.77
C ASN A 305 10.81 -10.89 9.20
N PRO A 306 11.33 -10.62 10.40
CA PRO A 306 11.44 -9.22 10.86
C PRO A 306 12.41 -8.39 10.05
N ARG A 307 13.27 -9.01 9.24
CA ARG A 307 14.21 -8.29 8.38
C ARG A 307 13.81 -8.36 6.92
N PHE A 308 12.52 -8.54 6.65
CA PHE A 308 12.03 -8.63 5.28
C PHE A 308 12.34 -7.37 4.49
N ASP A 309 12.40 -6.21 5.15
CA ASP A 309 12.67 -4.94 4.49
C ASP A 309 14.16 -4.60 4.41
N LYS A 310 15.04 -5.56 4.69
CA LYS A 310 16.49 -5.34 4.64
C LYS A 310 17.13 -6.31 3.66
N MET A 311 18.35 -5.97 3.24
CA MET A 311 19.17 -6.92 2.50
C MET A 311 20.07 -7.71 3.45
N GLU A 312 20.96 -7.02 4.16
CA GLU A 312 21.84 -7.67 5.14
C GLU A 312 21.00 -8.31 6.24
N GLY A 313 21.28 -9.59 6.53
CA GLY A 313 20.56 -10.31 7.54
C GLY A 313 19.23 -10.89 7.11
N ASN A 314 18.83 -10.67 5.86
CA ASN A 314 17.58 -11.21 5.34
C ASN A 314 17.89 -12.50 4.60
N PRO A 315 17.48 -13.66 5.11
CA PRO A 315 17.93 -14.93 4.51
C PRO A 315 17.45 -15.16 3.08
N ILE A 316 16.34 -14.56 2.67
CA ILE A 316 15.76 -14.84 1.37
C ILE A 316 16.20 -13.83 0.31
N CYS A 317 17.08 -12.90 0.66
CA CYS A 317 17.45 -11.83 -0.26
C CYS A 317 18.85 -12.07 -0.79
N VAL A 318 19.03 -11.88 -2.10
CA VAL A 318 20.34 -11.97 -2.71
C VAL A 318 21.18 -10.78 -2.24
N GLN A 319 22.40 -11.07 -1.78
CA GLN A 319 23.29 -10.04 -1.23
C GLN A 319 24.04 -9.39 -2.39
N ILE A 320 23.38 -8.42 -3.02
CA ILE A 320 23.93 -7.73 -4.18
C ILE A 320 24.71 -6.51 -3.72
N PRO A 321 25.93 -6.28 -4.25
CA PRO A 321 26.71 -5.08 -3.85
C PRO A 321 26.25 -3.81 -4.55
N TRP A 322 25.17 -3.23 -4.03
CA TRP A 322 24.65 -1.99 -4.60
C TRP A 322 25.58 -0.83 -4.31
N ASP A 323 25.53 0.19 -5.18
CA ASP A 323 26.25 1.42 -4.95
C ASP A 323 25.49 2.30 -3.96
N LYS A 324 26.22 3.18 -3.29
CA LYS A 324 25.64 4.19 -2.42
C LYS A 324 25.90 5.55 -3.06
N ASN A 325 24.82 6.22 -3.47
CA ASN A 325 24.90 7.47 -4.22
C ASN A 325 23.75 8.35 -3.79
N PRO A 326 23.88 9.09 -2.68
CA PRO A 326 22.77 9.89 -2.18
C PRO A 326 22.26 10.93 -3.17
N GLU A 327 23.16 11.54 -3.96
CA GLU A 327 22.72 12.54 -4.93
C GLU A 327 21.89 11.92 -6.04
N ALA A 328 22.33 10.78 -6.56
CA ALA A 328 21.57 10.09 -7.61
C ALA A 328 20.24 9.59 -7.08
N LEU A 329 20.23 9.10 -5.83
CA LEU A 329 18.98 8.66 -5.23
C LEU A 329 18.00 9.82 -5.06
N ALA A 330 18.50 11.00 -4.68
CA ALA A 330 17.64 12.15 -4.51
C ALA A 330 17.04 12.60 -5.84
N LYS A 331 17.83 12.56 -6.92
CA LYS A 331 17.31 12.89 -8.25
C LYS A 331 16.18 11.94 -8.64
N TRP A 332 16.35 10.65 -8.37
CA TRP A 332 15.28 9.68 -8.65
C TRP A 332 14.05 9.96 -7.79
N ALA A 333 14.25 10.13 -6.47
CA ALA A 333 13.12 10.30 -5.56
C ALA A 333 12.34 11.58 -5.84
N GLU A 334 13.02 12.63 -6.28
CA GLU A 334 12.40 13.92 -6.49
C GLU A 334 11.96 14.15 -7.93
N GLY A 335 12.11 13.15 -8.79
CA GLY A 335 11.70 13.28 -10.17
C GLY A 335 12.47 14.33 -10.95
N ARG A 336 13.79 14.34 -10.82
CA ARG A 336 14.65 15.20 -11.64
C ARG A 336 15.82 14.41 -12.20
N THR A 337 15.52 13.24 -12.74
CA THR A 337 16.51 12.41 -13.41
C THR A 337 16.88 12.91 -14.80
N GLY A 338 16.08 13.80 -15.38
CA GLY A 338 16.28 14.20 -16.75
C GLY A 338 15.67 13.28 -17.77
N PHE A 339 15.06 12.18 -17.35
CA PHE A 339 14.27 11.32 -18.21
C PHE A 339 12.80 11.62 -17.96
N PRO A 340 12.11 12.30 -18.88
CA PRO A 340 10.72 12.71 -18.61
C PRO A 340 9.81 11.55 -18.20
N TRP A 341 9.97 10.38 -18.80
CA TRP A 341 9.15 9.23 -18.42
C TRP A 341 9.32 8.91 -16.95
N ILE A 342 10.57 8.78 -16.49
CA ILE A 342 10.85 8.48 -15.09
C ILE A 342 10.36 9.61 -14.20
N ASP A 343 10.63 10.86 -14.59
CA ASP A 343 10.29 12.00 -13.75
C ASP A 343 8.79 12.20 -13.66
N ALA A 344 8.06 11.98 -14.76
CA ALA A 344 6.62 12.10 -14.73
C ALA A 344 6.00 11.08 -13.78
N ILE A 345 6.51 9.85 -13.78
CA ILE A 345 5.99 8.82 -12.89
C ILE A 345 6.25 9.20 -11.44
N MET A 346 7.48 9.60 -11.12
CA MET A 346 7.81 9.96 -9.74
C MET A 346 7.06 11.20 -9.30
N THR A 347 6.74 12.10 -10.22
CA THR A 347 5.95 13.28 -9.88
C THR A 347 4.50 12.89 -9.57
N GLN A 348 3.88 12.07 -10.42
CA GLN A 348 2.53 11.59 -10.13
C GLN A 348 2.49 10.88 -8.78
N LEU A 349 3.47 10.01 -8.51
CA LEU A 349 3.52 9.32 -7.23
C LEU A 349 3.53 10.31 -6.07
N ARG A 350 4.40 11.32 -6.14
CA ARG A 350 4.50 12.29 -5.05
C ARG A 350 3.23 13.11 -4.92
N GLN A 351 2.62 13.49 -6.05
CA GLN A 351 1.46 14.37 -6.01
C GLN A 351 0.21 13.64 -5.55
N GLU A 352 0.01 12.40 -6.02
CA GLU A 352 -1.28 11.74 -5.87
C GLU A 352 -1.26 10.50 -5.00
N GLY A 353 -0.13 9.79 -4.91
CA GLY A 353 -0.05 8.62 -4.06
C GLY A 353 -0.31 7.30 -4.75
N TRP A 354 -0.44 7.29 -6.07
CA TRP A 354 -0.63 6.04 -6.81
C TRP A 354 -0.02 6.20 -8.19
N ILE A 355 0.62 5.12 -8.66
CA ILE A 355 1.10 5.00 -10.03
C ILE A 355 0.81 3.58 -10.51
N HIS A 356 0.69 3.43 -11.82
CA HIS A 356 0.39 2.12 -12.39
C HIS A 356 1.48 1.12 -12.06
N HIS A 357 1.11 -0.16 -11.98
CA HIS A 357 2.07 -1.19 -11.61
C HIS A 357 3.23 -1.26 -12.60
N LEU A 358 2.95 -1.10 -13.89
CA LEU A 358 4.05 -1.14 -14.86
C LEU A 358 4.91 0.10 -14.76
N ALA A 359 4.35 1.23 -14.33
CA ALA A 359 5.16 2.40 -14.02
C ALA A 359 6.06 2.12 -12.81
N ARG A 360 5.54 1.39 -11.82
CA ARG A 360 6.37 0.96 -10.70
C ARG A 360 7.55 0.13 -11.18
N HIS A 361 7.31 -0.84 -12.08
CA HIS A 361 8.39 -1.63 -12.64
C HIS A 361 9.43 -0.74 -13.31
N ALA A 362 8.97 0.27 -14.05
CA ALA A 362 9.89 1.14 -14.78
C ALA A 362 10.82 1.88 -13.83
N VAL A 363 10.27 2.53 -12.80
CA VAL A 363 11.13 3.35 -11.95
C VAL A 363 11.95 2.49 -11.01
N ALA A 364 11.47 1.28 -10.68
CA ALA A 364 12.25 0.37 -9.85
C ALA A 364 13.45 -0.16 -10.61
N CYS A 365 13.24 -0.55 -11.87
CA CYS A 365 14.35 -0.97 -12.72
C CYS A 365 15.38 0.15 -12.87
N PHE A 366 14.91 1.37 -13.13
CA PHE A 366 15.84 2.50 -13.31
C PHE A 366 16.72 2.70 -12.09
N LEU A 367 16.12 2.65 -10.90
CA LEU A 367 16.89 2.90 -9.68
C LEU A 367 17.84 1.76 -9.38
N THR A 368 17.40 0.52 -9.56
CA THR A 368 18.18 -0.62 -9.08
C THR A 368 18.94 -1.31 -10.22
N ARG A 369 18.40 -2.41 -10.73
CA ARG A 369 19.16 -3.27 -11.64
C ARG A 369 19.43 -2.59 -12.99
N GLY A 370 18.69 -1.55 -13.34
CA GLY A 370 18.79 -0.99 -14.68
C GLY A 370 19.83 0.08 -14.88
N ASP A 371 19.69 1.21 -14.18
CA ASP A 371 20.50 2.38 -14.48
C ASP A 371 21.39 2.84 -13.33
N LEU A 372 20.83 3.01 -12.13
CA LEU A 372 21.58 3.65 -11.05
C LEU A 372 22.31 2.69 -10.14
N TRP A 373 21.92 1.41 -10.13
CA TRP A 373 22.54 0.39 -9.28
C TRP A 373 22.49 0.80 -7.80
N ILE A 374 21.36 1.35 -7.39
CA ILE A 374 21.12 1.75 -6.00
C ILE A 374 20.23 0.70 -5.35
N SER A 375 20.44 0.46 -4.05
CA SER A 375 19.77 -0.63 -3.37
C SER A 375 18.25 -0.47 -3.42
N TRP A 376 17.56 -1.60 -3.60
CA TRP A 376 16.11 -1.61 -3.54
C TRP A 376 15.59 -1.12 -2.19
N GLU A 377 16.41 -1.21 -1.13
CA GLU A 377 15.98 -0.72 0.18
C GLU A 377 15.66 0.77 0.12
N GLU A 378 16.41 1.53 -0.68
CA GLU A 378 16.21 2.96 -0.75
C GLU A 378 14.98 3.32 -1.57
N GLY A 379 14.71 2.58 -2.65
CA GLY A 379 13.47 2.77 -3.36
C GLY A 379 12.26 2.45 -2.49
N MET A 380 12.36 1.35 -1.72
CA MET A 380 11.28 0.95 -0.83
C MET A 380 10.94 2.06 0.17
N LYS A 381 11.97 2.70 0.72
CA LYS A 381 11.73 3.78 1.68
C LYS A 381 10.96 4.92 1.04
N VAL A 382 11.32 5.30 -0.18
CA VAL A 382 10.61 6.39 -0.87
C VAL A 382 9.18 5.98 -1.14
N PHE A 383 8.98 4.76 -1.66
CA PHE A 383 7.62 4.28 -1.91
C PHE A 383 6.82 4.19 -0.61
N GLU A 384 7.46 3.74 0.48
CA GLU A 384 6.76 3.70 1.76
C GLU A 384 6.23 5.08 2.13
N GLU A 385 7.03 6.13 1.86
CA GLU A 385 6.62 7.49 2.17
C GLU A 385 5.41 7.93 1.35
N LEU A 386 5.41 7.62 0.06
CA LEU A 386 4.49 8.25 -0.89
C LEU A 386 3.35 7.35 -1.35
N LEU A 387 3.52 6.04 -1.33
CA LEU A 387 2.59 5.13 -2.00
C LEU A 387 1.44 4.77 -1.06
N LEU A 388 0.21 4.92 -1.55
CA LEU A 388 -0.95 4.72 -0.69
C LEU A 388 -1.33 3.24 -0.54
N ASP A 389 -0.97 2.39 -1.50
CA ASP A 389 -1.61 1.07 -1.57
C ASP A 389 -0.68 -0.10 -1.24
N ALA A 390 0.51 0.15 -0.70
CA ALA A 390 1.46 -0.93 -0.44
C ALA A 390 1.90 -0.89 1.02
N ASP A 391 1.60 -1.96 1.75
CA ASP A 391 2.05 -2.14 3.12
C ASP A 391 3.55 -2.42 3.16
N TRP A 392 4.09 -2.40 4.38
CA TRP A 392 5.49 -2.79 4.61
C TRP A 392 5.82 -4.11 3.92
N SER A 393 4.97 -5.12 4.12
CA SER A 393 5.24 -6.45 3.55
C SER A 393 5.22 -6.41 2.03
N ILE A 394 4.24 -5.71 1.45
CA ILE A 394 4.10 -5.72 0.00
C ILE A 394 5.17 -4.85 -0.65
N ASN A 395 5.45 -3.69 -0.05
CA ASN A 395 6.50 -2.82 -0.55
C ASN A 395 7.85 -3.53 -0.55
N ALA A 396 8.23 -4.10 0.59
CA ALA A 396 9.52 -4.79 0.70
C ALA A 396 9.62 -5.92 -0.30
N GLY A 397 8.60 -6.80 -0.32
CA GLY A 397 8.64 -7.93 -1.25
C GLY A 397 8.69 -7.51 -2.69
N SER A 398 7.92 -6.47 -3.06
CA SER A 398 7.88 -6.04 -4.44
C SER A 398 9.24 -5.48 -4.88
N TRP A 399 9.90 -4.72 -4.00
CA TRP A 399 11.19 -4.14 -4.35
C TRP A 399 12.27 -5.21 -4.44
N MET A 400 12.19 -6.24 -3.59
CA MET A 400 13.14 -7.34 -3.69
C MET A 400 12.96 -8.09 -4.99
N TRP A 401 11.71 -8.47 -5.30
CA TRP A 401 11.44 -9.27 -6.49
C TRP A 401 11.84 -8.51 -7.76
N LEU A 402 11.48 -7.24 -7.85
CA LEU A 402 11.70 -6.50 -9.08
C LEU A 402 13.15 -6.10 -9.29
N SER A 403 13.96 -6.07 -8.22
CA SER A 403 15.37 -5.73 -8.31
C SER A 403 16.25 -6.95 -8.54
N CYS A 404 15.65 -8.12 -8.83
CA CYS A 404 16.36 -9.39 -8.99
C CYS A 404 17.03 -9.82 -7.69
N SER A 405 16.42 -9.48 -6.56
CA SER A 405 16.99 -9.77 -5.25
C SER A 405 16.40 -11.00 -4.60
N SER A 406 15.48 -11.69 -5.26
CA SER A 406 15.00 -12.99 -4.83
C SER A 406 15.65 -14.07 -5.68
N PHE A 407 15.94 -15.22 -5.06
CA PHE A 407 16.72 -16.25 -5.73
C PHE A 407 15.93 -17.00 -6.80
N PHE A 408 14.61 -16.83 -6.86
CA PHE A 408 13.77 -17.61 -7.76
C PHE A 408 12.92 -16.73 -8.67
N GLN A 409 13.41 -15.52 -8.95
CA GLN A 409 12.72 -14.61 -9.86
C GLN A 409 13.77 -13.72 -10.50
N GLN A 410 14.01 -13.89 -11.79
CA GLN A 410 15.01 -13.12 -12.51
C GLN A 410 14.36 -12.36 -13.67
N PHE A 411 14.84 -11.15 -13.92
CA PHE A 411 14.42 -10.33 -15.04
C PHE A 411 15.64 -9.98 -15.88
N PHE A 412 15.63 -10.38 -17.15
CA PHE A 412 16.76 -10.16 -18.04
C PHE A 412 16.56 -9.00 -19.00
N HIS A 413 15.36 -8.46 -19.14
CA HIS A 413 15.13 -7.30 -19.99
C HIS A 413 15.06 -6.04 -19.14
N CYS A 414 15.88 -5.07 -19.53
CA CYS A 414 15.98 -3.79 -18.85
C CYS A 414 15.05 -2.78 -19.51
N TYR A 415 14.16 -2.17 -18.72
CA TYR A 415 13.24 -1.17 -19.26
C TYR A 415 14.00 0.04 -19.80
N CYS A 416 13.59 0.53 -20.97
CA CYS A 416 14.17 1.74 -21.52
C CYS A 416 13.46 2.96 -20.94
N PRO A 417 14.18 3.89 -20.29
CA PRO A 417 13.53 5.07 -19.71
C PRO A 417 13.05 6.08 -20.75
N VAL A 418 13.32 5.83 -22.03
CA VAL A 418 12.74 6.62 -23.11
C VAL A 418 11.68 5.81 -23.86
N GLY A 419 12.03 4.60 -24.31
CA GLY A 419 11.17 3.85 -25.20
C GLY A 419 9.89 3.34 -24.54
N PHE A 420 9.98 2.96 -23.26
CA PHE A 420 8.79 2.48 -22.57
C PHE A 420 7.69 3.54 -22.57
N GLY A 421 8.05 4.77 -22.19
CA GLY A 421 7.06 5.84 -22.21
C GLY A 421 6.57 6.15 -23.61
N ARG A 422 7.50 6.25 -24.56
CA ARG A 422 7.13 6.52 -25.94
C ARG A 422 6.23 5.43 -26.51
N ARG A 423 6.47 4.18 -26.13
CA ARG A 423 5.63 3.08 -26.59
C ARG A 423 4.30 3.01 -25.86
N THR A 424 4.18 3.61 -24.68
CA THR A 424 2.94 3.60 -23.92
C THR A 424 2.05 4.79 -24.23
N ASP A 425 2.63 5.98 -24.38
CA ASP A 425 1.90 7.22 -24.63
C ASP A 425 2.66 8.01 -25.68
N PRO A 426 2.49 7.67 -26.97
CA PRO A 426 3.34 8.28 -28.02
C PRO A 426 3.26 9.80 -28.08
N ASN A 427 2.09 10.40 -27.87
CA ASN A 427 2.02 11.85 -27.94
C ASN A 427 2.59 12.52 -26.70
N GLY A 428 2.77 11.78 -25.60
CA GLY A 428 3.34 12.37 -24.41
C GLY A 428 2.37 13.19 -23.58
N ASP A 429 1.08 12.90 -23.66
CA ASP A 429 0.11 13.59 -22.81
C ASP A 429 0.42 13.36 -21.34
N TYR A 430 0.84 12.15 -20.99
CA TYR A 430 1.22 11.86 -19.61
C TYR A 430 2.35 12.77 -19.15
N ILE A 431 3.35 12.98 -20.00
CA ILE A 431 4.46 13.86 -19.66
C ILE A 431 3.97 15.28 -19.43
N ARG A 432 3.16 15.79 -20.36
CA ARG A 432 2.68 17.17 -20.25
C ARG A 432 1.79 17.36 -19.04
N ARG A 433 1.11 16.31 -18.60
CA ARG A 433 0.22 16.47 -17.46
C ARG A 433 1.01 16.65 -16.16
N TYR A 434 2.16 15.98 -16.02
CA TYR A 434 2.88 16.03 -14.77
C TYR A 434 4.17 16.83 -14.81
N LEU A 435 4.69 17.15 -16.00
CA LEU A 435 5.89 17.96 -16.16
C LEU A 435 5.54 19.17 -17.03
N PRO A 436 4.93 20.20 -16.44
CA PRO A 436 4.50 21.35 -17.25
C PRO A 436 5.63 22.07 -17.95
N VAL A 437 6.86 22.01 -17.41
CA VAL A 437 7.99 22.71 -18.04
C VAL A 437 8.28 22.16 -19.43
N LEU A 438 7.83 20.94 -19.72
CA LEU A 438 8.10 20.28 -20.99
C LEU A 438 6.94 20.38 -21.97
N ARG A 439 5.89 21.13 -21.62
CA ARG A 439 4.67 21.09 -22.41
C ARG A 439 4.87 21.61 -23.83
N GLY A 440 5.83 22.51 -24.03
CA GLY A 440 6.07 23.04 -25.36
C GLY A 440 6.80 22.11 -26.30
N PHE A 441 7.31 20.99 -25.80
CA PHE A 441 8.05 20.07 -26.66
C PHE A 441 7.07 19.25 -27.50
N PRO A 442 7.36 19.08 -28.79
CA PRO A 442 6.54 18.19 -29.63
C PRO A 442 6.79 16.73 -29.27
N ALA A 443 5.89 15.87 -29.76
CA ALA A 443 5.94 14.45 -29.40
C ALA A 443 7.26 13.81 -29.81
N LYS A 444 7.88 14.28 -30.88
CA LYS A 444 9.13 13.68 -31.35
C LYS A 444 10.26 13.82 -30.32
N TYR A 445 10.18 14.81 -29.43
CA TYR A 445 11.25 15.06 -28.47
C TYR A 445 10.80 14.99 -27.01
N ILE A 446 9.51 14.78 -26.74
CA ILE A 446 9.01 14.93 -25.38
C ILE A 446 9.60 13.87 -24.44
N TYR A 447 9.95 12.69 -24.96
CA TYR A 447 10.56 11.67 -24.12
C TYR A 447 12.07 11.74 -24.12
N ASP A 448 12.68 12.54 -25.00
CA ASP A 448 14.13 12.69 -25.06
C ASP A 448 14.46 14.13 -25.45
N PRO A 449 14.13 15.10 -24.57
CA PRO A 449 14.28 16.52 -24.97
C PRO A 449 15.72 16.95 -25.19
N TRP A 450 16.70 16.22 -24.64
CA TRP A 450 18.09 16.56 -24.91
C TRP A 450 18.44 16.41 -26.39
N ASN A 451 17.64 15.65 -27.14
CA ASN A 451 17.82 15.50 -28.58
C ASN A 451 17.16 16.61 -29.37
N ALA A 452 16.41 17.49 -28.73
CA ALA A 452 15.77 18.59 -29.45
C ALA A 452 16.81 19.62 -29.85
N PRO A 453 16.81 20.09 -31.10
CA PRO A 453 17.73 21.18 -31.48
C PRO A 453 17.49 22.42 -30.64
N GLU A 454 18.53 23.26 -30.57
CA GLU A 454 18.48 24.42 -29.69
C GLU A 454 17.29 25.32 -30.00
N GLY A 455 16.89 25.42 -31.26
CA GLY A 455 15.75 26.25 -31.61
C GLY A 455 14.45 25.72 -31.04
N ILE A 456 14.26 24.40 -31.10
CA ILE A 456 13.04 23.80 -30.55
C ILE A 456 13.00 23.96 -29.04
N GLN A 457 14.16 23.89 -28.39
CA GLN A 457 14.22 24.11 -26.95
C GLN A 457 13.85 25.55 -26.60
N LYS A 458 14.42 26.53 -27.32
CA LYS A 458 14.10 27.92 -27.04
C LYS A 458 12.62 28.20 -27.28
N VAL A 459 12.06 27.65 -28.36
CA VAL A 459 10.64 27.82 -28.65
C VAL A 459 9.79 27.21 -27.54
N ALA A 460 10.19 26.06 -27.03
CA ALA A 460 9.47 25.43 -25.92
C ALA A 460 9.70 26.12 -24.59
N LYS A 461 10.51 27.18 -24.56
CA LYS A 461 10.85 27.90 -23.33
C LYS A 461 11.41 26.95 -22.28
N CYS A 462 12.24 26.00 -22.73
CA CYS A 462 12.78 24.99 -21.83
C CYS A 462 14.16 24.56 -22.37
N LEU A 463 15.21 25.17 -21.83
CA LEU A 463 16.57 24.81 -22.18
C LEU A 463 17.01 23.64 -21.30
N ILE A 464 17.39 22.53 -21.94
CA ILE A 464 17.82 21.36 -21.20
C ILE A 464 19.15 21.67 -20.51
N GLY A 465 19.19 21.45 -19.19
CA GLY A 465 20.28 21.89 -18.37
C GLY A 465 20.02 23.17 -17.62
N VAL A 466 18.97 23.91 -18.01
CA VAL A 466 18.58 25.13 -17.33
C VAL A 466 17.22 24.95 -16.68
N ASN A 467 16.19 24.79 -17.51
CA ASN A 467 14.82 24.69 -17.01
C ASN A 467 14.42 23.27 -16.67
N TYR A 468 15.06 22.28 -17.28
CA TYR A 468 14.82 20.86 -17.02
C TYR A 468 16.19 20.21 -17.12
N PRO A 469 16.55 19.33 -16.18
CA PRO A 469 17.93 18.83 -16.14
C PRO A 469 18.25 17.92 -17.30
N LYS A 470 19.55 17.78 -17.57
CA LYS A 470 20.02 16.81 -18.53
C LYS A 470 19.82 15.40 -17.97
N PRO A 471 19.71 14.40 -18.85
CA PRO A 471 19.58 13.02 -18.36
C PRO A 471 20.75 12.65 -17.46
N MET A 472 20.44 12.08 -16.30
CA MET A 472 21.46 11.89 -15.27
C MET A 472 22.46 10.80 -15.60
N VAL A 473 22.13 9.91 -16.54
CA VAL A 473 23.06 8.89 -17.02
C VAL A 473 22.88 8.72 -18.52
N ASN A 474 23.88 8.07 -19.13
CA ASN A 474 23.75 7.53 -20.48
C ASN A 474 23.16 6.14 -20.35
N HIS A 475 21.87 5.99 -20.69
CA HIS A 475 21.17 4.74 -20.42
C HIS A 475 21.83 3.56 -21.12
N ALA A 476 22.19 3.73 -22.40
CA ALA A 476 22.81 2.64 -23.14
C ALA A 476 24.07 2.14 -22.44
N GLU A 477 24.91 3.07 -21.96
CA GLU A 477 26.12 2.65 -21.27
C GLU A 477 25.82 2.10 -19.89
N ALA A 478 25.00 2.82 -19.11
CA ALA A 478 24.70 2.40 -17.74
C ALA A 478 24.04 1.03 -17.72
N SER A 479 23.06 0.80 -18.59
CA SER A 479 22.36 -0.48 -18.59
C SER A 479 23.26 -1.61 -19.07
N ARG A 480 24.14 -1.33 -20.04
CA ARG A 480 25.07 -2.36 -20.48
C ARG A 480 25.98 -2.80 -19.34
N LEU A 481 26.51 -1.84 -18.57
CA LEU A 481 27.33 -2.18 -17.42
C LEU A 481 26.53 -2.95 -16.38
N ASN A 482 25.30 -2.51 -16.11
CA ASN A 482 24.51 -3.12 -15.04
C ASN A 482 23.98 -4.49 -15.46
N ILE A 483 23.65 -4.66 -16.73
CA ILE A 483 23.26 -5.99 -17.22
C ILE A 483 24.43 -6.96 -17.04
N GLU A 484 25.66 -6.50 -17.33
CA GLU A 484 26.84 -7.34 -17.14
C GLU A 484 27.06 -7.66 -15.67
N ARG A 485 26.86 -6.67 -14.78
CA ARG A 485 27.03 -6.91 -13.35
C ARG A 485 26.03 -7.94 -12.83
N MET A 486 24.77 -7.83 -13.25
CA MET A 486 23.77 -8.79 -12.81
C MET A 486 24.02 -10.18 -13.39
N LYS A 487 24.54 -10.25 -14.62
CA LYS A 487 24.90 -11.55 -15.18
C LYS A 487 26.04 -12.19 -14.39
N GLN A 488 27.01 -11.39 -13.96
CA GLN A 488 28.09 -11.91 -13.13
C GLN A 488 27.56 -12.46 -11.81
N ILE A 489 26.59 -11.77 -11.22
CA ILE A 489 26.03 -12.19 -9.95
C ILE A 489 25.34 -13.54 -10.10
N TYR A 490 24.45 -13.66 -11.07
CA TYR A 490 23.70 -14.89 -11.22
C TYR A 490 24.55 -16.04 -11.78
N GLN A 491 25.70 -15.73 -12.39
CA GLN A 491 26.65 -16.78 -12.76
C GLN A 491 27.24 -17.45 -11.52
N GLN A 492 27.32 -16.73 -10.40
CA GLN A 492 27.83 -17.23 -9.14
C GLN A 492 26.82 -17.00 -8.02
N LEU A 493 25.57 -17.38 -8.27
CA LEU A 493 24.46 -16.95 -7.42
C LEU A 493 24.64 -17.40 -5.97
N SER A 494 25.06 -18.66 -5.77
CA SER A 494 25.20 -19.17 -4.41
C SER A 494 26.22 -18.37 -3.61
N ARG A 495 27.16 -17.71 -4.29
CA ARG A 495 28.14 -16.88 -3.61
C ARG A 495 27.51 -15.66 -2.96
N TYR A 496 26.31 -15.26 -3.38
CA TYR A 496 25.63 -14.10 -2.84
C TYR A 496 24.49 -14.48 -1.90
N ARG A 497 24.52 -15.70 -1.37
CA ARG A 497 23.51 -16.16 -0.42
C ARG A 497 23.93 -15.81 1.00
N GLY A 498 23.00 -15.26 1.77
CA GLY A 498 23.23 -14.97 3.17
C GLY A 498 22.56 -15.99 4.07
#